data_3PJP
#
_entry.id   3PJP
#
_cell.length_a   111.240
_cell.length_b   57.020
_cell.length_c   87.970
_cell.angle_alpha   90.000
_cell.angle_beta   126.140
_cell.angle_gamma   90.000
#
_symmetry.space_group_name_H-M   'C 1 2 1'
#
loop_
_entity.id
_entity.type
_entity.pdbx_description
1 polymer 'Transcription elongation factor SPT6'
2 non-polymer 'ACETATE ION'
3 non-polymer '2-(N-MORPHOLINO)-ETHANESULFONIC ACID'
4 water water
#
_entity_poly.entity_id   1
_entity_poly.type   'polypeptide(L)'
_entity_poly.pdbx_seq_one_letter_code
;GSHMHRVINHPYYFPFNGKQAEDYLRSKERGDFVIRQSSRGDDHLAITWKLDKDLFQHVDIQELEKENPLALGKVLVVEG
QRYHDLDQIIVEYLQNKIRLLNELTSNEKFKAGTKKEVVKFIEDYSKVNPKKSVYYFSLNYENPGWFYLIFKLNAESKLY
IWNVKLTHTGFFLVNYNYPTVIQLCNGFKTLLKSSNTRN
;
_entity_poly.pdbx_strand_id   A,B
#
# COMPACT_ATOMS: atom_id res chain seq x y z
N ARG A 6 -28.96 12.42 10.95
CA ARG A 6 -27.71 12.14 11.65
C ARG A 6 -26.71 13.29 11.53
N VAL A 7 -25.78 13.34 12.48
CA VAL A 7 -24.81 14.42 12.55
C VAL A 7 -23.40 13.90 12.29
N ILE A 8 -22.75 14.45 11.27
CA ILE A 8 -21.35 14.13 11.00
C ILE A 8 -20.49 15.39 11.02
N ASN A 9 -19.60 15.47 12.01
CA ASN A 9 -18.73 16.64 12.17
C ASN A 9 -17.40 16.51 11.47
N HIS A 10 -17.41 16.71 10.15
CA HIS A 10 -16.18 16.70 9.39
C HIS A 10 -16.21 17.79 8.34
N PRO A 11 -15.08 18.48 8.14
CA PRO A 11 -15.00 19.61 7.21
C PRO A 11 -15.45 19.28 5.79
N TYR A 12 -15.28 18.04 5.36
CA TYR A 12 -15.65 17.66 4.00
C TYR A 12 -16.97 16.91 3.92
N TYR A 13 -17.72 16.88 5.02
CA TYR A 13 -19.03 16.22 5.01
C TYR A 13 -20.16 17.15 4.60
N PHE A 14 -20.89 16.74 3.55
CA PHE A 14 -22.14 17.37 3.16
C PHE A 14 -23.15 16.27 2.83
N PRO A 15 -24.42 16.45 3.23
CA PRO A 15 -25.45 15.43 2.98
C PRO A 15 -25.91 15.39 1.51
N PHE A 16 -24.98 15.42 0.57
CA PHE A 16 -25.26 15.27 -0.85
C PHE A 16 -25.65 13.86 -1.18
N ASN A 17 -26.37 13.69 -2.27
CA ASN A 17 -26.41 12.39 -2.94
C ASN A 17 -25.33 12.38 -4.02
N GLY A 18 -25.23 11.26 -4.72
CA GLY A 18 -24.17 11.10 -5.71
C GLY A 18 -24.12 12.17 -6.79
N LYS A 19 -25.28 12.51 -7.35
CA LYS A 19 -25.33 13.47 -8.45
C LYS A 19 -24.91 14.86 -7.97
N GLN A 20 -25.44 15.25 -6.82
CA GLN A 20 -25.10 16.55 -6.24
C GLN A 20 -23.59 16.62 -6.03
N ALA A 21 -23.01 15.54 -5.52
CA ALA A 21 -21.57 15.47 -5.30
C ALA A 21 -20.77 15.66 -6.59
N GLU A 22 -21.19 15.02 -7.68
CA GLU A 22 -20.48 15.18 -8.94
C GLU A 22 -20.58 16.62 -9.44
N ASP A 23 -21.77 17.19 -9.36
CA ASP A 23 -21.95 18.59 -9.76
C ASP A 23 -21.09 19.51 -8.90
N TYR A 24 -21.01 19.23 -7.61
CA TYR A 24 -20.20 20.04 -6.71
C TYR A 24 -18.70 19.95 -7.04
N LEU A 25 -18.22 18.74 -7.37
CA LEU A 25 -16.81 18.56 -7.65
C LEU A 25 -16.38 18.85 -9.08
N ARG A 26 -17.36 19.08 -9.97
CA ARG A 26 -17.04 19.14 -11.40
C ARG A 26 -15.95 20.14 -11.75
N SER A 27 -15.90 21.27 -11.04
CA SER A 27 -14.93 22.32 -11.34
C SER A 27 -13.67 22.20 -10.48
N LYS A 28 -13.63 21.21 -9.60
CA LYS A 28 -12.46 20.99 -8.74
C LYS A 28 -11.35 20.24 -9.48
N GLU A 29 -10.34 19.81 -8.73
CA GLU A 29 -9.19 19.11 -9.32
C GLU A 29 -9.17 17.64 -8.96
N ARG A 30 -8.34 16.88 -9.67
CA ARG A 30 -8.15 15.47 -9.37
C ARG A 30 -7.80 15.30 -7.89
N GLY A 31 -8.51 14.40 -7.21
CA GLY A 31 -8.24 14.14 -5.81
C GLY A 31 -9.18 14.86 -4.86
N ASP A 32 -9.84 15.92 -5.33
CA ASP A 32 -10.81 16.61 -4.50
C ASP A 32 -12.00 15.70 -4.24
N PHE A 33 -12.61 15.82 -3.06
CA PHE A 33 -13.60 14.84 -2.64
C PHE A 33 -14.62 15.48 -1.70
N VAL A 34 -15.70 14.74 -1.45
CA VAL A 34 -16.59 15.02 -0.34
C VAL A 34 -16.97 13.71 0.33
N ILE A 35 -17.23 13.79 1.63
CA ILE A 35 -17.88 12.70 2.34
C ILE A 35 -19.37 13.04 2.34
N ARG A 36 -20.23 12.04 2.19
CA ARG A 36 -21.65 12.36 2.05
C ARG A 36 -22.56 11.25 2.57
N GLN A 37 -23.84 11.56 2.49
CA GLN A 37 -24.93 10.63 2.76
C GLN A 37 -24.87 9.49 1.74
N SER A 38 -25.09 8.27 2.21
CA SER A 38 -25.20 7.12 1.32
C SER A 38 -26.65 6.80 1.01
N SER A 39 -26.88 6.50 -0.27
N SER A 39 -26.94 6.37 -0.20
CA SER A 39 -28.19 6.25 -0.84
CA SER A 39 -28.28 5.86 -0.50
C SER A 39 -29.13 5.59 0.16
C SER A 39 -28.41 4.40 -0.03
N ARG A 40 -29.00 4.28 0.30
N ARG A 40 -27.37 3.90 0.62
CA ARG A 40 -29.74 3.55 1.31
CA ARG A 40 -27.29 2.47 0.97
C ARG A 40 -28.76 3.06 2.36
C ARG A 40 -27.77 2.15 2.40
N GLY A 41 -29.17 3.15 3.62
N GLY A 41 -28.12 3.19 3.17
CA GLY A 41 -28.34 2.68 4.71
CA GLY A 41 -28.65 3.00 4.50
C GLY A 41 -27.94 3.80 5.63
C GLY A 41 -28.14 3.99 5.53
N ASP A 42 -28.59 3.85 6.78
CA ASP A 42 -28.19 4.73 7.86
C ASP A 42 -26.96 4.17 8.57
N ASP A 43 -26.46 3.04 8.08
CA ASP A 43 -25.20 2.49 8.58
C ASP A 43 -24.15 2.53 7.48
N HIS A 44 -24.37 3.44 6.54
CA HIS A 44 -23.46 3.69 5.42
C HIS A 44 -23.17 5.16 5.27
N LEU A 45 -21.95 5.46 4.83
CA LEU A 45 -21.63 6.79 4.34
C LEU A 45 -20.95 6.59 3.00
N ALA A 46 -20.59 7.70 2.34
CA ALA A 46 -19.97 7.57 1.04
C ALA A 46 -18.93 8.66 0.79
N ILE A 47 -17.95 8.36 -0.05
CA ILE A 47 -17.03 9.37 -0.51
C ILE A 47 -17.11 9.45 -2.02
N THR A 48 -17.25 10.67 -2.54
CA THR A 48 -17.16 10.87 -3.98
C THR A 48 -15.89 11.65 -4.25
N TRP A 49 -15.11 11.23 -5.23
CA TRP A 49 -13.89 11.96 -5.55
C TRP A 49 -13.68 12.07 -7.05
N LYS A 50 -12.89 13.06 -7.45
CA LYS A 50 -12.70 13.36 -8.87
C LYS A 50 -11.41 12.76 -9.39
N LEU A 51 -11.53 11.93 -10.43
CA LEU A 51 -10.35 11.33 -11.05
C LEU A 51 -9.84 12.15 -12.21
N ASP A 52 -10.78 12.76 -12.95
CA ASP A 52 -10.45 13.45 -14.19
CA ASP A 52 -10.43 13.54 -14.13
C ASP A 52 -11.67 14.25 -14.64
N LYS A 53 -11.54 14.95 -15.76
CA LYS A 53 -12.68 15.69 -16.32
C LYS A 53 -13.93 14.83 -16.42
N ASP A 54 -14.98 15.25 -15.72
CA ASP A 54 -16.25 14.54 -15.72
C ASP A 54 -16.12 13.06 -15.35
N LEU A 55 -15.09 12.72 -14.58
CA LEU A 55 -14.85 11.34 -14.18
C LEU A 55 -14.76 11.23 -12.66
N PHE A 56 -15.76 10.60 -12.05
CA PHE A 56 -15.84 10.54 -10.60
C PHE A 56 -16.07 9.14 -10.10
N GLN A 57 -15.50 8.86 -8.94
CA GLN A 57 -15.75 7.59 -8.29
C GLN A 57 -16.48 7.76 -6.98
N HIS A 58 -17.45 6.88 -6.75
CA HIS A 58 -18.18 6.85 -5.50
C HIS A 58 -17.75 5.62 -4.69
N VAL A 59 -17.34 5.87 -3.45
CA VAL A 59 -16.76 4.86 -2.57
C VAL A 59 -17.68 4.67 -1.39
N ASP A 60 -18.12 3.43 -1.15
CA ASP A 60 -19.01 3.18 -0.04
C ASP A 60 -18.25 2.94 1.25
N ILE A 61 -18.78 3.51 2.33
CA ILE A 61 -18.26 3.28 3.68
C ILE A 61 -19.32 2.57 4.51
N GLN A 62 -19.01 1.37 4.99
CA GLN A 62 -19.91 0.63 5.87
C GLN A 62 -19.56 0.89 7.33
N GLU A 63 -20.56 1.22 8.14
CA GLU A 63 -20.31 1.42 9.57
C GLU A 63 -20.54 0.14 10.36
N LEU A 64 -19.70 -0.06 11.37
CA LEU A 64 -19.94 -1.09 12.37
C LEU A 64 -19.84 -0.47 13.75
N GLU A 65 -20.39 -1.16 14.74
CA GLU A 65 -20.30 -0.73 16.13
C GLU A 65 -20.83 0.70 16.34
N LYS A 66 -22.00 0.96 15.78
CA LYS A 66 -22.74 2.17 16.08
C LYS A 66 -23.48 1.98 17.40
N GLU A 67 -23.48 2.99 18.26
CA GLU A 67 -24.20 2.90 19.54
C GLU A 67 -25.70 2.85 19.33
N ASN A 68 -26.17 3.52 18.28
CA ASN A 68 -27.58 3.57 17.94
C ASN A 68 -27.66 3.96 16.47
N PRO A 69 -28.85 3.85 15.86
CA PRO A 69 -29.01 4.09 14.43
C PRO A 69 -28.41 5.41 13.95
N LEU A 70 -28.45 6.44 14.78
CA LEU A 70 -27.98 7.77 14.37
C LEU A 70 -26.52 8.06 14.71
N ALA A 71 -25.85 7.12 15.35
CA ALA A 71 -24.49 7.36 15.81
C ALA A 71 -23.44 6.90 14.80
N LEU A 72 -22.34 7.65 14.74
CA LEU A 72 -21.20 7.29 13.92
C LEU A 72 -20.57 5.99 14.44
N GLY A 73 -20.40 5.02 13.55
CA GLY A 73 -19.76 3.76 13.89
C GLY A 73 -18.36 3.93 14.41
N LYS A 74 -17.98 3.09 15.39
CA LYS A 74 -16.62 3.08 15.93
C LYS A 74 -15.61 2.49 14.94
N VAL A 75 -16.12 1.72 13.97
CA VAL A 75 -15.29 1.06 12.96
C VAL A 75 -15.93 1.35 11.61
N LEU A 76 -15.13 1.79 10.65
CA LEU A 76 -15.61 2.08 9.30
C LEU A 76 -14.91 1.20 8.30
N VAL A 77 -15.67 0.61 7.40
CA VAL A 77 -15.11 -0.37 6.45
C VAL A 77 -15.16 0.16 5.03
N VAL A 78 -14.01 0.18 4.35
CA VAL A 78 -13.97 0.54 2.94
C VAL A 78 -13.26 -0.57 2.18
N GLU A 79 -13.96 -1.11 1.19
CA GLU A 79 -13.43 -2.20 0.36
C GLU A 79 -12.70 -3.26 1.17
N GLY A 80 -13.36 -3.74 2.22
CA GLY A 80 -12.85 -4.88 2.97
C GLY A 80 -11.86 -4.52 4.06
N GLN A 81 -11.45 -3.26 4.10
CA GLN A 81 -10.49 -2.82 5.09
C GLN A 81 -11.13 -2.02 6.23
N ARG A 82 -10.78 -2.35 7.47
CA ARG A 82 -11.28 -1.58 8.61
C ARG A 82 -10.43 -0.37 8.99
N TYR A 83 -11.11 0.71 9.35
CA TYR A 83 -10.49 1.93 9.79
C TYR A 83 -11.21 2.45 11.04
N HIS A 84 -10.54 3.31 11.81
CA HIS A 84 -11.12 3.87 13.03
C HIS A 84 -12.06 5.04 12.78
N ASP A 85 -11.75 5.85 11.78
CA ASP A 85 -12.47 7.10 11.60
C ASP A 85 -12.26 7.68 10.21
N LEU A 86 -12.98 8.76 9.90
CA LEU A 86 -12.95 9.32 8.56
C LEU A 86 -11.58 9.90 8.23
N ASP A 87 -10.92 10.52 9.20
CA ASP A 87 -9.62 11.10 8.89
C ASP A 87 -8.60 10.03 8.52
N GLN A 88 -8.70 8.87 9.16
CA GLN A 88 -7.80 7.76 8.85
C GLN A 88 -8.05 7.25 7.43
N ILE A 89 -9.33 7.19 7.05
CA ILE A 89 -9.71 6.81 5.68
C ILE A 89 -9.10 7.78 4.68
N ILE A 90 -9.19 9.08 4.97
CA ILE A 90 -8.59 10.06 4.06
C ILE A 90 -7.08 9.84 3.88
N VAL A 91 -6.35 9.61 4.97
CA VAL A 91 -4.90 9.40 4.89
C VAL A 91 -4.48 8.06 4.29
N GLU A 92 -5.11 6.98 4.74
CA GLU A 92 -4.61 5.65 4.37
C GLU A 92 -5.29 5.06 3.14
N TYR A 93 -6.54 5.45 2.90
CA TYR A 93 -7.30 4.94 1.76
C TYR A 93 -7.30 5.93 0.61
N LEU A 94 -7.91 7.09 0.80
CA LEU A 94 -8.09 8.02 -0.31
C LEU A 94 -6.79 8.60 -0.85
N GLN A 95 -5.92 9.11 0.02
CA GLN A 95 -4.69 9.72 -0.44
C GLN A 95 -3.81 8.69 -1.17
N ASN A 96 -3.95 7.43 -0.77
CA ASN A 96 -3.24 6.34 -1.42
C ASN A 96 -3.73 6.09 -2.83
N LYS A 97 -5.04 5.96 -2.95
CA LYS A 97 -5.68 5.81 -4.25
C LYS A 97 -5.30 6.96 -5.19
N ILE A 98 -5.30 8.18 -4.69
CA ILE A 98 -4.89 9.32 -5.50
C ILE A 98 -3.43 9.23 -5.92
N ARG A 99 -2.57 8.86 -4.99
CA ARG A 99 -1.16 8.63 -5.27
CA ARG A 99 -1.16 8.69 -5.32
C ARG A 99 -0.98 7.64 -6.42
N LEU A 100 -1.70 6.52 -6.32
CA LEU A 100 -1.56 5.45 -7.30
C LEU A 100 -2.12 5.87 -8.66
N LEU A 101 -3.21 6.63 -8.66
CA LEU A 101 -3.79 7.11 -9.91
C LEU A 101 -2.75 7.96 -10.62
N ASN A 102 -2.11 8.85 -9.87
CA ASN A 102 -1.08 9.70 -10.48
C ASN A 102 0.14 8.91 -10.93
N GLU A 103 0.50 7.87 -10.17
CA GLU A 103 1.62 7.00 -10.56
C GLU A 103 1.36 6.39 -11.95
N LEU A 104 0.16 5.86 -12.14
CA LEU A 104 -0.16 5.27 -13.44
C LEU A 104 -0.28 6.28 -14.59
N THR A 105 -1.00 7.38 -14.38
CA THR A 105 -1.19 8.33 -15.48
C THR A 105 0.10 9.08 -15.84
N SER A 106 1.07 9.10 -14.92
CA SER A 106 2.34 9.76 -15.18
CA SER A 106 2.36 9.75 -15.16
C SER A 106 3.31 8.84 -15.93
N ASN A 107 2.92 7.58 -16.09
CA ASN A 107 3.83 6.62 -16.70
C ASN A 107 3.98 6.82 -18.20
N GLU A 108 5.16 6.54 -18.73
CA GLU A 108 5.40 6.75 -20.15
C GLU A 108 4.51 5.91 -21.04
N LYS A 109 3.98 4.82 -20.48
CA LYS A 109 3.10 3.96 -21.24
C LYS A 109 1.62 4.26 -21.02
N PHE A 110 1.31 5.35 -20.32
CA PHE A 110 -0.08 5.77 -20.20
C PHE A 110 -0.48 6.62 -21.40
N LYS A 111 -1.60 6.26 -22.01
CA LYS A 111 -2.11 7.04 -23.14
C LYS A 111 -3.38 7.77 -22.74
N ALA A 112 -3.41 9.06 -23.01
CA ALA A 112 -4.65 9.78 -22.85
C ALA A 112 -5.41 9.42 -24.11
N GLY A 113 -6.73 9.46 -24.04
CA GLY A 113 -7.49 9.08 -25.21
C GLY A 113 -8.30 7.83 -24.95
N THR A 114 -9.24 7.57 -25.85
CA THR A 114 -10.25 6.55 -25.65
C THR A 114 -9.75 5.17 -26.02
N LYS A 115 -10.54 4.16 -25.69
CA LYS A 115 -10.17 2.79 -26.05
C LYS A 115 -9.91 2.69 -27.55
N LYS A 116 -10.83 3.23 -28.35
CA LYS A 116 -10.69 3.16 -29.80
C LYS A 116 -9.41 3.83 -30.27
N GLU A 117 -9.08 4.97 -29.68
CA GLU A 117 -7.88 5.70 -30.07
C GLU A 117 -6.62 4.89 -29.76
N VAL A 118 -6.60 4.25 -28.60
CA VAL A 118 -5.41 3.50 -28.20
C VAL A 118 -5.28 2.21 -29.00
N VAL A 119 -6.41 1.57 -29.30
CA VAL A 119 -6.41 0.41 -30.18
C VAL A 119 -5.84 0.77 -31.55
N LYS A 120 -6.27 1.90 -32.10
CA LYS A 120 -5.75 2.34 -33.39
C LYS A 120 -4.26 2.68 -33.31
N PHE A 121 -3.83 3.29 -32.21
CA PHE A 121 -2.40 3.60 -32.07
C PHE A 121 -1.58 2.33 -32.10
N ILE A 122 -2.08 1.29 -31.45
CA ILE A 122 -1.39 0.01 -31.39
C ILE A 122 -1.41 -0.74 -32.71
N GLU A 123 -2.56 -0.77 -33.39
CA GLU A 123 -2.64 -1.35 -34.74
C GLU A 123 -1.62 -0.69 -35.66
N ASP A 124 -1.67 0.64 -35.73
CA ASP A 124 -0.73 1.38 -36.58
C ASP A 124 0.72 1.08 -36.21
N TYR A 125 1.03 1.12 -34.91
CA TYR A 125 2.39 0.86 -34.45
C TYR A 125 2.86 -0.55 -34.83
N SER A 126 1.97 -1.52 -34.68
CA SER A 126 2.28 -2.89 -35.06
C SER A 126 2.58 -2.99 -36.55
N LYS A 127 1.88 -2.18 -37.35
CA LYS A 127 2.08 -2.15 -38.80
C LYS A 127 3.54 -1.83 -39.11
N VAL A 128 4.06 -0.80 -38.46
CA VAL A 128 5.42 -0.32 -38.67
C VAL A 128 6.45 -1.25 -38.03
N ASN A 129 6.13 -1.75 -36.84
CA ASN A 129 7.05 -2.63 -36.11
C ASN A 129 6.44 -4.02 -35.87
N PRO A 130 6.34 -4.82 -36.93
CA PRO A 130 5.63 -6.10 -36.92
C PRO A 130 6.26 -7.14 -36.00
N LYS A 131 7.51 -6.94 -35.61
CA LYS A 131 8.18 -7.90 -34.74
C LYS A 131 8.22 -7.48 -33.28
N LYS A 132 7.81 -6.24 -33.00
CA LYS A 132 7.90 -5.70 -31.65
C LYS A 132 6.58 -5.75 -30.91
N SER A 133 6.60 -6.25 -29.68
CA SER A 133 5.42 -6.21 -28.83
C SER A 133 5.20 -4.77 -28.38
N VAL A 134 3.96 -4.42 -28.09
CA VAL A 134 3.66 -3.11 -27.55
C VAL A 134 2.52 -3.22 -26.56
N TYR A 135 2.49 -2.33 -25.59
CA TYR A 135 1.37 -2.25 -24.67
C TYR A 135 1.22 -0.86 -24.07
N TYR A 136 -0.02 -0.45 -23.84
CA TYR A 136 -0.33 0.84 -23.24
C TYR A 136 -1.43 0.69 -22.20
N PHE A 137 -1.45 1.59 -21.21
CA PHE A 137 -2.56 1.74 -20.29
C PHE A 137 -3.34 2.98 -20.69
N SER A 138 -4.65 2.94 -20.51
CA SER A 138 -5.49 4.11 -20.70
C SER A 138 -6.68 4.08 -19.73
N LEU A 139 -7.34 5.23 -19.55
CA LEU A 139 -8.44 5.31 -18.61
C LEU A 139 -9.72 4.71 -19.16
N ASN A 140 -10.41 3.94 -18.32
CA ASN A 140 -11.73 3.44 -18.64
C ASN A 140 -12.74 4.49 -18.22
N TYR A 141 -13.25 5.24 -19.19
CA TYR A 141 -14.08 6.39 -18.86
C TYR A 141 -15.50 6.02 -18.48
N GLU A 142 -15.92 4.80 -18.81
CA GLU A 142 -17.28 4.38 -18.49
C GLU A 142 -17.38 3.63 -17.17
N ASN A 143 -16.24 3.21 -16.65
CA ASN A 143 -16.21 2.50 -15.38
C ASN A 143 -15.13 3.13 -14.52
N PRO A 144 -15.46 4.25 -13.85
CA PRO A 144 -14.45 5.04 -13.15
C PRO A 144 -13.62 4.23 -12.16
N GLY A 145 -12.32 4.37 -12.27
CA GLY A 145 -11.40 3.64 -11.42
C GLY A 145 -10.76 2.46 -12.11
N TRP A 146 -11.22 2.14 -13.32
CA TRP A 146 -10.60 1.07 -14.11
C TRP A 146 -9.70 1.66 -15.17
N PHE A 147 -8.73 0.86 -15.61
CA PHE A 147 -7.84 1.18 -16.70
C PHE A 147 -7.95 0.05 -17.71
N TYR A 148 -7.73 0.37 -18.98
CA TYR A 148 -7.48 -0.67 -19.97
C TYR A 148 -5.98 -0.97 -20.04
N LEU A 149 -5.66 -2.22 -20.30
CA LEU A 149 -4.32 -2.65 -20.65
C LEU A 149 -4.44 -3.27 -22.03
N ILE A 150 -3.97 -2.56 -23.04
CA ILE A 150 -4.18 -2.95 -24.44
C ILE A 150 -2.82 -3.29 -25.03
N PHE A 151 -2.72 -4.45 -25.67
CA PHE A 151 -1.42 -4.99 -26.08
C PHE A 151 -1.50 -5.89 -27.32
N LYS A 152 -0.37 -6.04 -27.98
CA LYS A 152 -0.25 -6.87 -29.16
C LYS A 152 1.19 -7.35 -29.23
N LEU A 153 1.36 -8.67 -29.32
CA LEU A 153 2.67 -9.31 -29.26
C LEU A 153 3.51 -9.09 -30.52
N ASN A 154 2.86 -9.18 -31.67
CA ASN A 154 3.51 -8.96 -32.96
C ASN A 154 2.45 -8.95 -34.04
N ALA A 155 2.86 -8.75 -35.29
CA ALA A 155 1.92 -8.61 -36.39
C ALA A 155 1.06 -9.86 -36.63
N GLU A 156 1.57 -11.02 -36.23
CA GLU A 156 0.87 -12.28 -36.47
C GLU A 156 -0.07 -12.65 -35.33
N SER A 157 -0.12 -11.82 -34.30
CA SER A 157 -0.94 -12.10 -33.13
C SER A 157 -2.06 -11.08 -32.96
N LYS A 158 -3.08 -11.46 -32.19
CA LYS A 158 -4.22 -10.59 -31.95
C LYS A 158 -3.88 -9.45 -30.99
N LEU A 159 -4.62 -8.35 -31.13
CA LEU A 159 -4.65 -7.32 -30.09
C LEU A 159 -5.62 -7.77 -29.00
N TYR A 160 -5.22 -7.59 -27.75
CA TYR A 160 -6.05 -7.97 -26.61
C TYR A 160 -6.26 -6.79 -25.69
N ILE A 161 -7.35 -6.85 -24.94
CA ILE A 161 -7.64 -5.83 -23.95
C ILE A 161 -7.86 -6.51 -22.62
N TRP A 162 -6.98 -6.22 -21.67
CA TRP A 162 -7.17 -6.66 -20.30
C TRP A 162 -7.60 -5.48 -19.44
N ASN A 163 -7.96 -5.74 -18.18
CA ASN A 163 -8.59 -4.72 -17.35
C ASN A 163 -7.86 -4.62 -16.02
N VAL A 164 -7.61 -3.39 -15.59
CA VAL A 164 -6.84 -3.16 -14.37
C VAL A 164 -7.67 -2.26 -13.46
N LYS A 165 -7.86 -2.67 -12.21
CA LYS A 165 -8.67 -1.87 -11.26
C LYS A 165 -7.75 -1.15 -10.27
N LEU A 166 -7.95 0.16 -10.16
CA LEU A 166 -7.22 0.95 -9.18
C LEU A 166 -7.78 0.64 -7.81
N THR A 167 -6.92 0.19 -6.89
CA THR A 167 -7.34 0.03 -5.50
C THR A 167 -6.49 0.90 -4.58
N HIS A 168 -6.81 0.92 -3.29
CA HIS A 168 -6.02 1.71 -2.36
C HIS A 168 -4.66 1.08 -2.06
N THR A 169 -4.46 -0.17 -2.48
CA THR A 169 -3.20 -0.86 -2.24
C THR A 169 -2.38 -1.05 -3.51
N GLY A 170 -2.99 -0.82 -4.67
CA GLY A 170 -2.25 -1.01 -5.91
C GLY A 170 -3.17 -1.17 -7.10
N PHE A 171 -2.69 -1.95 -8.08
CA PHE A 171 -3.39 -2.12 -9.34
C PHE A 171 -3.77 -3.59 -9.50
N PHE A 172 -5.06 -3.89 -9.46
CA PHE A 172 -5.49 -5.27 -9.56
C PHE A 172 -5.56 -5.70 -11.01
N LEU A 173 -4.79 -6.73 -11.32
CA LEU A 173 -4.80 -7.36 -12.64
C LEU A 173 -4.89 -8.87 -12.48
N VAL A 174 -6.05 -9.42 -12.81
CA VAL A 174 -6.32 -10.86 -12.84
C VAL A 174 -6.21 -11.56 -11.48
N ASN A 175 -5.02 -11.50 -10.87
CA ASN A 175 -4.78 -12.25 -9.65
C ASN A 175 -4.36 -11.41 -8.45
N TYR A 176 -3.42 -10.51 -8.66
CA TYR A 176 -2.82 -9.77 -7.56
C TYR A 176 -3.12 -8.29 -7.64
N ASN A 177 -3.02 -7.63 -6.50
CA ASN A 177 -3.06 -6.20 -6.38
C ASN A 177 -1.62 -5.72 -6.42
N TYR A 178 -1.11 -5.41 -7.59
CA TYR A 178 0.30 -5.04 -7.75
C TYR A 178 0.56 -3.66 -7.15
N PRO A 179 1.50 -3.59 -6.18
CA PRO A 179 1.56 -2.33 -5.42
C PRO A 179 2.21 -1.14 -6.14
N THR A 180 2.95 -1.40 -7.21
CA THR A 180 3.57 -0.34 -7.99
C THR A 180 3.36 -0.59 -9.49
N VAL A 181 3.59 0.45 -10.30
CA VAL A 181 3.41 0.32 -11.75
C VAL A 181 4.45 -0.64 -12.33
N ILE A 182 5.67 -0.58 -11.78
CA ILE A 182 6.72 -1.52 -12.19
C ILE A 182 6.32 -2.97 -11.94
N GLN A 183 5.75 -3.26 -10.77
CA GLN A 183 5.34 -4.63 -10.46
C GLN A 183 4.16 -5.04 -11.33
N LEU A 184 3.29 -4.09 -11.63
CA LEU A 184 2.16 -4.33 -12.52
C LEU A 184 2.61 -4.76 -13.92
N CYS A 185 3.59 -4.03 -14.48
CA CYS A 185 4.08 -4.38 -15.81
C CYS A 185 4.80 -5.73 -15.79
N ASN A 186 5.57 -5.98 -14.73
CA ASN A 186 6.22 -7.28 -14.59
C ASN A 186 5.19 -8.41 -14.45
N GLY A 187 4.13 -8.17 -13.70
CA GLY A 187 3.08 -9.15 -13.53
C GLY A 187 2.33 -9.43 -14.82
N PHE A 188 2.03 -8.37 -15.58
CA PHE A 188 1.46 -8.49 -16.91
C PHE A 188 2.34 -9.39 -17.78
N LYS A 189 3.64 -9.12 -17.81
CA LYS A 189 4.54 -9.90 -18.66
C LYS A 189 4.56 -11.38 -18.26
N THR A 190 4.44 -11.64 -16.97
CA THR A 190 4.42 -13.02 -16.45
C THR A 190 3.13 -13.72 -16.89
N LEU A 191 2.03 -12.99 -16.86
CA LEU A 191 0.72 -13.51 -17.24
C LEU A 191 0.62 -13.77 -18.75
N LEU A 192 1.57 -13.25 -19.53
CA LEU A 192 1.58 -13.56 -20.96
C LEU A 192 2.21 -14.93 -21.25
N LYS A 193 2.93 -15.47 -20.28
CA LYS A 193 3.60 -16.74 -20.46
C LYS A 193 2.67 -17.87 -20.04
N SER A 194 2.86 -19.05 -20.61
CA SER A 194 2.12 -20.22 -20.12
C SER A 194 2.50 -20.45 -18.66
N SER A 195 1.55 -20.98 -17.89
CA SER A 195 1.75 -21.16 -16.46
C SER A 195 2.99 -21.98 -16.13
N ASN A 196 3.30 -22.97 -16.97
CA ASN A 196 4.44 -23.85 -16.71
C ASN A 196 5.80 -23.32 -17.19
N THR A 197 5.83 -22.09 -17.67
CA THR A 197 7.11 -21.47 -18.04
C THR A 197 7.34 -20.13 -17.33
N ARG A 198 6.63 -19.90 -16.25
CA ARG A 198 6.78 -18.66 -15.48
C ARG A 198 7.90 -18.77 -14.43
N ASN A 199 8.10 -19.97 -13.89
CA ASN A 199 9.04 -20.16 -12.79
C ASN A 199 9.55 -21.60 -12.67
N HIS B 5 8.64 -33.95 8.87
CA HIS B 5 8.46 -32.50 8.80
C HIS B 5 7.53 -32.13 7.63
N ARG B 6 6.66 -31.16 7.86
CA ARG B 6 5.71 -30.71 6.85
C ARG B 6 6.44 -30.17 5.62
N VAL B 7 5.94 -30.51 4.44
CA VAL B 7 6.52 -30.02 3.20
C VAL B 7 5.55 -29.07 2.48
N ILE B 8 6.01 -27.86 2.22
CA ILE B 8 5.24 -26.94 1.38
C ILE B 8 5.92 -26.86 0.04
N ASN B 9 5.13 -26.98 -1.02
CA ASN B 9 5.64 -26.91 -2.38
C ASN B 9 5.86 -25.46 -2.79
N HIS B 10 7.05 -24.95 -2.50
CA HIS B 10 7.40 -23.60 -2.88
C HIS B 10 8.91 -23.50 -2.96
N PRO B 11 9.41 -22.84 -4.00
CA PRO B 11 10.86 -22.74 -4.22
C PRO B 11 11.60 -22.16 -3.02
N TYR B 12 10.92 -21.34 -2.21
CA TYR B 12 11.61 -20.68 -1.11
C TYR B 12 11.28 -21.28 0.25
N TYR B 13 10.58 -22.40 0.25
CA TYR B 13 10.29 -23.09 1.50
C TYR B 13 11.45 -24.00 1.97
N PHE B 14 11.78 -23.86 3.24
CA PHE B 14 12.79 -24.68 3.90
C PHE B 14 12.26 -24.98 5.30
N PRO B 15 12.41 -26.23 5.76
CA PRO B 15 11.99 -26.69 7.09
C PRO B 15 12.93 -26.15 8.17
N PHE B 16 13.11 -24.84 8.19
CA PHE B 16 14.00 -24.19 9.13
C PHE B 16 13.23 -23.71 10.35
N ASN B 17 13.92 -23.61 11.48
CA ASN B 17 13.43 -22.78 12.58
C ASN B 17 13.92 -21.35 12.36
N GLY B 18 13.55 -20.44 13.25
CA GLY B 18 14.00 -19.06 13.15
C GLY B 18 15.51 -18.86 13.07
N LYS B 19 16.25 -19.47 13.98
CA LYS B 19 17.71 -19.33 13.99
C LYS B 19 18.36 -19.87 12.72
N GLN B 20 17.90 -21.03 12.27
CA GLN B 20 18.43 -21.62 11.04
C GLN B 20 18.17 -20.71 9.83
N ALA B 21 16.99 -20.09 9.81
CA ALA B 21 16.63 -19.16 8.75
C ALA B 21 17.57 -17.96 8.75
N GLU B 22 17.86 -17.42 9.93
CA GLU B 22 18.81 -16.31 10.05
C GLU B 22 20.21 -16.74 9.59
N ASP B 23 20.63 -17.93 9.98
CA ASP B 23 21.94 -18.43 9.56
C ASP B 23 21.99 -18.56 8.03
N TYR B 24 20.92 -19.06 7.44
CA TYR B 24 20.83 -19.20 5.99
C TYR B 24 20.90 -17.87 5.25
N LEU B 25 20.18 -16.86 5.76
CA LEU B 25 20.09 -15.57 5.08
C LEU B 25 21.24 -14.62 5.37
N ARG B 26 22.08 -14.98 6.35
CA ARG B 26 23.10 -14.06 6.85
C ARG B 26 24.02 -13.49 5.77
N SER B 27 24.38 -14.32 4.80
CA SER B 27 25.30 -13.91 3.75
C SER B 27 24.55 -13.38 2.54
N LYS B 28 23.23 -13.27 2.66
CA LYS B 28 22.40 -12.87 1.53
C LYS B 28 22.24 -11.36 1.46
N GLU B 29 21.34 -10.89 0.60
CA GLU B 29 21.10 -9.46 0.44
C GLU B 29 19.80 -9.04 1.12
N ARG B 30 19.64 -7.74 1.32
CA ARG B 30 18.38 -7.22 1.85
C ARG B 30 17.24 -7.69 0.95
N GLY B 31 16.19 -8.21 1.57
CA GLY B 31 15.02 -8.64 0.83
C GLY B 31 14.96 -10.12 0.56
N ASP B 32 16.10 -10.81 0.70
CA ASP B 32 16.12 -12.25 0.56
C ASP B 32 15.37 -12.87 1.72
N PHE B 33 14.69 -13.98 1.46
CA PHE B 33 13.78 -14.56 2.44
C PHE B 33 13.69 -16.07 2.30
N VAL B 34 13.12 -16.69 3.34
CA VAL B 34 12.63 -18.04 3.24
C VAL B 34 11.24 -18.13 3.85
N ILE B 35 10.48 -19.12 3.39
CA ILE B 35 9.22 -19.47 4.01
C ILE B 35 9.51 -20.73 4.81
N ARG B 36 8.93 -20.84 6.00
CA ARG B 36 9.28 -21.95 6.89
C ARG B 36 8.10 -22.33 7.76
N GLN B 37 8.24 -23.41 8.52
CA GLN B 37 7.23 -23.76 9.52
C GLN B 37 7.36 -22.84 10.74
N SER B 38 6.27 -22.69 11.50
CA SER B 38 6.26 -21.85 12.69
C SER B 38 6.19 -22.66 13.98
N SER B 39 6.76 -22.10 15.05
N SER B 39 6.76 -22.10 15.05
CA SER B 39 6.63 -22.69 16.37
CA SER B 39 7.02 -22.85 16.29
C SER B 39 5.30 -22.27 16.98
C SER B 39 5.82 -23.52 16.98
N ARG B 40 4.53 -21.50 16.22
N ARG B 40 4.84 -22.73 17.44
CA ARG B 40 3.28 -20.96 16.71
CA ARG B 40 3.65 -23.34 18.02
C ARG B 40 2.11 -21.94 16.58
C ARG B 40 2.39 -23.05 17.22
N GLY B 41 2.31 -23.00 15.80
N GLY B 41 2.12 -23.91 16.26
CA GLY B 41 1.31 -24.04 15.65
CA GLY B 41 0.94 -23.77 15.43
C GLY B 41 1.36 -24.77 14.32
C GLY B 41 1.11 -24.58 14.17
N ASP B 42 0.46 -25.73 14.13
CA ASP B 42 0.38 -26.51 12.90
C ASP B 42 -0.43 -25.75 11.85
N ASP B 43 -0.94 -24.59 12.24
CA ASP B 43 -1.69 -23.75 11.32
C ASP B 43 -1.00 -22.40 11.14
N HIS B 44 0.30 -22.39 11.36
CA HIS B 44 1.12 -21.21 11.13
C HIS B 44 2.33 -21.53 10.26
N LEU B 45 2.65 -20.60 9.38
CA LEU B 45 3.93 -20.61 8.69
C LEU B 45 4.62 -19.29 9.01
N ALA B 46 5.82 -19.09 8.49
CA ALA B 46 6.55 -17.87 8.72
C ALA B 46 7.41 -17.50 7.53
N ILE B 47 7.63 -16.21 7.38
CA ILE B 47 8.59 -15.73 6.41
C ILE B 47 9.66 -15.03 7.20
N THR B 48 10.90 -15.46 7.00
CA THR B 48 12.01 -14.76 7.60
C THR B 48 12.71 -14.01 6.48
N TRP B 49 12.93 -12.72 6.67
CA TRP B 49 13.63 -11.96 5.64
C TRP B 49 14.70 -11.05 6.20
N LYS B 50 15.66 -10.71 5.35
CA LYS B 50 16.81 -9.93 5.78
C LYS B 50 16.64 -8.43 5.51
N LEU B 51 16.76 -7.64 6.57
CA LEU B 51 16.67 -6.17 6.47
C LEU B 51 18.04 -5.53 6.29
N ASP B 52 19.04 -6.12 6.95
CA ASP B 52 20.37 -5.53 7.01
C ASP B 52 21.33 -6.51 7.69
N LYS B 53 22.58 -6.13 7.84
CA LYS B 53 23.56 -7.03 8.46
C LYS B 53 23.07 -7.55 9.82
N ASP B 54 23.00 -8.87 9.96
CA ASP B 54 22.49 -9.49 11.18
C ASP B 54 21.19 -8.86 11.69
N LEU B 55 20.34 -8.42 10.77
CA LEU B 55 19.03 -7.87 11.12
C LEU B 55 17.95 -8.58 10.30
N PHE B 56 17.13 -9.38 10.97
CA PHE B 56 16.13 -10.21 10.29
C PHE B 56 14.77 -10.06 10.94
N GLN B 57 13.73 -10.09 10.11
CA GLN B 57 12.39 -10.07 10.64
C GLN B 57 11.68 -11.38 10.40
N HIS B 58 10.92 -11.82 11.39
CA HIS B 58 10.11 -13.03 11.24
C HIS B 58 8.65 -12.65 11.20
N VAL B 59 8.04 -12.86 10.04
CA VAL B 59 6.64 -12.51 9.78
C VAL B 59 5.78 -13.75 9.96
N ASP B 60 4.71 -13.62 10.74
CA ASP B 60 3.81 -14.72 11.03
C ASP B 60 2.70 -14.87 9.98
N ILE B 61 2.46 -16.10 9.53
CA ILE B 61 1.31 -16.35 8.66
C ILE B 61 0.35 -17.32 9.33
N GLN B 62 -0.90 -16.91 9.50
CA GLN B 62 -1.90 -17.80 10.07
C GLN B 62 -2.74 -18.43 8.97
N GLU B 63 -2.89 -19.75 9.01
CA GLU B 63 -3.75 -20.45 8.04
C GLU B 63 -5.18 -20.51 8.53
N LEU B 64 -6.13 -20.26 7.64
CA LEU B 64 -7.53 -20.55 7.91
C LEU B 64 -8.08 -21.47 6.81
N GLU B 65 -9.19 -22.13 7.09
CA GLU B 65 -9.90 -22.94 6.11
C GLU B 65 -9.03 -24.08 5.60
N LYS B 66 -8.34 -24.73 6.53
CA LYS B 66 -7.66 -26.00 6.26
C LYS B 66 -8.69 -27.13 6.25
N GLU B 67 -8.62 -28.01 5.25
CA GLU B 67 -9.51 -29.15 5.18
C GLU B 67 -9.32 -30.13 6.34
N ASN B 68 -8.08 -30.27 6.80
CA ASN B 68 -7.71 -31.13 7.91
C ASN B 68 -6.44 -30.55 8.53
N PRO B 69 -6.00 -31.07 9.69
CA PRO B 69 -4.83 -30.46 10.35
C PRO B 69 -3.56 -30.39 9.50
N LEU B 70 -3.45 -31.26 8.49
CA LEU B 70 -2.24 -31.33 7.66
C LEU B 70 -2.32 -30.57 6.34
N ALA B 71 -3.51 -30.05 6.00
CA ALA B 71 -3.72 -29.42 4.71
C ALA B 71 -3.38 -27.92 4.69
N LEU B 72 -2.91 -27.46 3.54
CA LEU B 72 -2.63 -26.03 3.33
C LEU B 72 -3.93 -25.23 3.38
N GLY B 73 -3.96 -24.19 4.20
CA GLY B 73 -5.12 -23.34 4.33
C GLY B 73 -5.52 -22.64 3.05
N LYS B 74 -6.82 -22.54 2.79
CA LYS B 74 -7.36 -21.86 1.63
CA LYS B 74 -7.31 -21.85 1.61
C LYS B 74 -7.17 -20.33 1.76
N VAL B 75 -7.01 -19.87 2.99
CA VAL B 75 -6.85 -18.45 3.27
C VAL B 75 -5.65 -18.27 4.19
N LEU B 76 -4.79 -17.31 3.88
CA LEU B 76 -3.62 -17.04 4.71
C LEU B 76 -3.69 -15.63 5.25
N VAL B 77 -3.45 -15.48 6.54
CA VAL B 77 -3.56 -14.16 7.17
C VAL B 77 -2.20 -13.63 7.61
N VAL B 78 -1.86 -12.43 7.15
CA VAL B 78 -0.66 -11.75 7.66
C VAL B 78 -1.06 -10.38 8.20
N GLU B 79 -0.71 -10.12 9.46
CA GLU B 79 -1.05 -8.83 10.09
C GLU B 79 -2.45 -8.33 9.76
N GLY B 80 -3.42 -9.20 10.01
CA GLY B 80 -4.83 -8.89 9.83
C GLY B 80 -5.35 -8.87 8.41
N GLN B 81 -4.46 -9.03 7.45
CA GLN B 81 -4.87 -9.03 6.04
C GLN B 81 -4.97 -10.45 5.48
N ARG B 82 -6.05 -10.70 4.74
CA ARG B 82 -6.23 -12.01 4.12
C ARG B 82 -5.61 -12.11 2.72
N TYR B 83 -5.03 -13.27 2.42
CA TYR B 83 -4.45 -13.56 1.11
C TYR B 83 -4.87 -14.97 0.71
N HIS B 84 -4.79 -15.28 -0.58
CA HIS B 84 -5.19 -16.61 -1.03
C HIS B 84 -4.06 -17.64 -0.94
N ASP B 85 -2.82 -17.19 -1.13
CA ASP B 85 -1.69 -18.12 -1.23
C ASP B 85 -0.35 -17.41 -0.98
N LEU B 86 0.71 -18.18 -0.88
CA LEU B 86 2.03 -17.65 -0.54
C LEU B 86 2.61 -16.73 -1.61
N ASP B 87 2.35 -17.02 -2.87
CA ASP B 87 2.88 -16.19 -3.96
C ASP B 87 2.23 -14.81 -3.92
N GLN B 88 0.96 -14.76 -3.59
CA GLN B 88 0.28 -13.46 -3.43
C GLN B 88 0.90 -12.66 -2.29
N ILE B 89 1.24 -13.36 -1.20
CA ILE B 89 1.86 -12.71 -0.06
C ILE B 89 3.20 -12.13 -0.47
N ILE B 90 3.96 -12.86 -1.27
CA ILE B 90 5.25 -12.37 -1.70
C ILE B 90 5.11 -11.09 -2.54
N VAL B 91 4.15 -11.06 -3.46
CA VAL B 91 3.94 -9.88 -4.31
C VAL B 91 3.33 -8.69 -3.55
N GLU B 92 2.24 -8.93 -2.83
CA GLU B 92 1.46 -7.84 -2.22
C GLU B 92 2.05 -7.37 -0.90
N TYR B 93 2.62 -8.29 -0.14
CA TYR B 93 3.13 -7.96 1.17
C TYR B 93 4.63 -7.75 1.19
N LEU B 94 5.39 -8.80 0.86
CA LEU B 94 6.82 -8.74 1.10
C LEU B 94 7.56 -7.76 0.19
N GLN B 95 7.30 -7.82 -1.10
CA GLN B 95 8.07 -7.01 -2.04
C GLN B 95 7.86 -5.53 -1.75
N ASN B 96 6.66 -5.16 -1.35
CA ASN B 96 6.40 -3.77 -1.06
C ASN B 96 7.01 -3.35 0.25
N LYS B 97 6.99 -4.24 1.23
CA LYS B 97 7.65 -3.96 2.50
C LYS B 97 9.14 -3.73 2.28
N ILE B 98 9.74 -4.51 1.38
CA ILE B 98 11.14 -4.29 1.02
C ILE B 98 11.32 -2.95 0.31
N ARG B 99 10.42 -2.64 -0.61
CA ARG B 99 10.48 -1.37 -1.32
C ARG B 99 10.41 -0.19 -0.34
N LEU B 100 9.51 -0.29 0.63
CA LEU B 100 9.34 0.78 1.62
C LEU B 100 10.57 0.93 2.52
N LEU B 101 11.15 -0.20 2.91
CA LEU B 101 12.41 -0.16 3.66
C LEU B 101 13.47 0.59 2.87
N ASN B 102 13.57 0.30 1.57
CA ASN B 102 14.55 1.01 0.73
C ASN B 102 14.22 2.49 0.58
N GLU B 103 12.94 2.80 0.48
CA GLU B 103 12.51 4.20 0.37
C GLU B 103 12.97 5.01 1.59
N LEU B 104 12.86 4.43 2.77
CA LEU B 104 13.27 5.15 3.98
C LEU B 104 14.79 5.22 4.12
N THR B 105 15.49 4.10 3.94
CA THR B 105 16.93 4.06 4.20
C THR B 105 17.72 4.87 3.18
N SER B 106 17.09 5.17 2.04
CA SER B 106 17.74 5.95 0.99
C SER B 106 17.32 7.41 1.04
N ASN B 107 16.39 7.73 1.94
CA ASN B 107 15.93 9.10 2.07
C ASN B 107 16.99 9.96 2.76
N GLU B 108 17.00 11.26 2.45
CA GLU B 108 17.97 12.16 3.04
C GLU B 108 17.77 12.28 4.55
N LYS B 109 16.59 11.93 5.03
CA LYS B 109 16.30 12.03 6.47
C LYS B 109 16.75 10.79 7.25
N PHE B 110 17.25 9.77 6.56
CA PHE B 110 17.72 8.57 7.24
C PHE B 110 19.18 8.74 7.62
N LYS B 111 19.54 8.30 8.83
CA LYS B 111 20.92 8.31 9.24
C LYS B 111 21.36 6.91 9.65
N ALA B 112 22.50 6.48 9.15
CA ALA B 112 23.03 5.18 9.54
C ALA B 112 23.61 5.33 10.93
N GLY B 113 23.78 4.21 11.61
CA GLY B 113 24.34 4.23 12.95
C GLY B 113 23.35 3.83 14.03
N THR B 114 23.88 3.65 15.23
CA THR B 114 23.08 3.22 16.36
C THR B 114 22.30 4.37 16.96
N LYS B 115 21.39 4.06 17.87
CA LYS B 115 20.62 5.10 18.53
C LYS B 115 21.56 6.09 19.19
N LYS B 116 22.56 5.58 19.90
CA LYS B 116 23.48 6.47 20.61
C LYS B 116 24.23 7.38 19.63
N GLU B 117 24.65 6.81 18.51
CA GLU B 117 25.35 7.60 17.48
C GLU B 117 24.45 8.71 16.89
N VAL B 118 23.20 8.39 16.62
CA VAL B 118 22.28 9.39 16.05
C VAL B 118 21.91 10.45 17.10
N VAL B 119 21.68 10.03 18.33
CA VAL B 119 21.41 10.98 19.40
C VAL B 119 22.56 11.98 19.55
N LYS B 120 23.79 11.48 19.54
CA LYS B 120 24.98 12.32 19.61
C LYS B 120 25.10 13.28 18.42
N PHE B 121 24.86 12.78 17.22
CA PHE B 121 24.88 13.66 16.05
C PHE B 121 23.88 14.80 16.25
N ILE B 122 22.66 14.46 16.64
CA ILE B 122 21.62 15.48 16.82
C ILE B 122 21.94 16.47 17.95
N GLU B 123 22.44 15.97 19.06
CA GLU B 123 22.88 16.87 20.13
C GLU B 123 23.96 17.81 19.62
N ASP B 124 24.94 17.25 18.91
CA ASP B 124 26.04 18.07 18.43
C ASP B 124 25.58 19.06 17.36
N TYR B 125 24.71 18.58 16.47
CA TYR B 125 24.21 19.41 15.39
C TYR B 125 23.35 20.54 15.95
N SER B 126 22.47 20.20 16.87
CA SER B 126 21.59 21.21 17.48
C SER B 126 22.39 22.31 18.17
N LYS B 127 23.43 21.94 18.89
CA LYS B 127 24.27 22.88 19.62
C LYS B 127 24.86 23.98 18.72
N VAL B 128 25.35 23.60 17.54
CA VAL B 128 25.94 24.58 16.63
C VAL B 128 24.92 25.13 15.65
N ASN B 129 23.68 24.65 15.75
CA ASN B 129 22.56 25.19 15.00
C ASN B 129 21.37 25.40 15.92
N PRO B 130 21.56 26.22 16.98
CA PRO B 130 20.64 26.33 18.12
C PRO B 130 19.21 26.78 17.78
N LYS B 131 19.01 27.33 16.59
CA LYS B 131 17.68 27.79 16.19
C LYS B 131 17.01 26.83 15.23
N LYS B 132 17.73 25.80 14.79
CA LYS B 132 17.25 24.93 13.74
C LYS B 132 16.70 23.63 14.29
N SER B 133 15.48 23.29 13.89
CA SER B 133 14.92 22.02 14.27
C SER B 133 15.69 20.94 13.52
N VAL B 134 15.84 19.77 14.14
CA VAL B 134 16.56 18.70 13.49
C VAL B 134 15.83 17.39 13.76
N TYR B 135 15.79 16.53 12.76
CA TYR B 135 15.27 15.18 12.98
C TYR B 135 15.89 14.19 12.03
N TYR B 136 16.00 12.94 12.49
CA TYR B 136 16.41 11.88 11.61
C TYR B 136 15.67 10.59 11.93
N PHE B 137 15.66 9.69 10.96
CA PHE B 137 15.19 8.32 11.15
C PHE B 137 16.43 7.41 11.21
N SER B 138 16.39 6.38 12.04
CA SER B 138 17.49 5.41 12.08
C SER B 138 16.94 4.02 12.40
N LEU B 139 17.72 2.98 12.10
CA LEU B 139 17.27 1.60 12.30
C LEU B 139 17.27 1.17 13.76
N ASN B 140 16.19 0.50 14.17
CA ASN B 140 16.10 -0.06 15.51
C ASN B 140 16.60 -1.51 15.47
N TYR B 141 17.83 -1.71 15.95
CA TYR B 141 18.50 -2.99 15.77
C TYR B 141 18.02 -4.05 16.74
N GLU B 142 17.45 -3.62 17.85
CA GLU B 142 16.95 -4.54 18.86
C GLU B 142 15.52 -4.99 18.59
N ASN B 143 14.81 -4.23 17.76
CA ASN B 143 13.44 -4.58 17.39
C ASN B 143 13.28 -4.46 15.88
N PRO B 144 13.69 -5.52 15.16
CA PRO B 144 13.72 -5.50 13.69
C PRO B 144 12.41 -5.07 13.09
N GLY B 145 12.48 -4.11 12.17
CA GLY B 145 11.29 -3.65 11.49
C GLY B 145 10.83 -2.32 12.05
N TRP B 146 11.47 -1.88 13.14
CA TRP B 146 11.20 -0.55 13.70
C TRP B 146 12.31 0.43 13.34
N PHE B 147 11.96 1.70 13.34
CA PHE B 147 12.92 2.79 13.17
C PHE B 147 12.74 3.76 14.33
N TYR B 148 13.81 4.44 14.70
CA TYR B 148 13.69 5.55 15.63
C TYR B 148 13.44 6.82 14.85
N LEU B 149 12.68 7.73 15.45
CA LEU B 149 12.54 9.07 14.92
C LEU B 149 13.04 9.98 16.03
N ILE B 150 14.23 10.53 15.82
CA ILE B 150 14.93 11.25 16.88
C ILE B 150 14.98 12.71 16.49
N PHE B 151 14.56 13.59 17.39
CA PHE B 151 14.40 15.00 17.03
C PHE B 151 14.63 15.96 18.20
N LYS B 152 14.88 17.21 17.84
CA LYS B 152 15.10 18.27 18.82
C LYS B 152 14.71 19.57 18.13
N LEU B 153 13.77 20.30 18.72
CA LEU B 153 13.17 21.47 18.05
C LEU B 153 14.13 22.66 17.98
N ASN B 154 14.91 22.84 19.04
CA ASN B 154 15.90 23.90 19.13
C ASN B 154 16.78 23.69 20.35
N ALA B 155 17.73 24.59 20.55
CA ALA B 155 18.66 24.50 21.66
C ALA B 155 17.96 24.49 23.03
N GLU B 156 16.78 25.09 23.10
CA GLU B 156 16.09 25.26 24.38
C GLU B 156 15.13 24.12 24.69
N SER B 157 15.04 23.15 23.80
CA SER B 157 14.05 22.07 23.94
C SER B 157 14.73 20.70 24.07
N LYS B 158 14.01 19.74 24.65
CA LYS B 158 14.56 18.41 24.82
C LYS B 158 14.68 17.63 23.51
N LEU B 159 15.63 16.71 23.48
CA LEU B 159 15.66 15.67 22.45
C LEU B 159 14.63 14.59 22.82
N TYR B 160 13.88 14.16 21.82
CA TYR B 160 12.84 13.15 22.03
C TYR B 160 13.08 12.00 21.06
N ILE B 161 12.63 10.81 21.43
CA ILE B 161 12.70 9.66 20.55
C ILE B 161 11.30 9.09 20.36
N TRP B 162 10.81 9.17 19.13
CA TRP B 162 9.57 8.51 18.79
C TRP B 162 9.87 7.24 17.99
N ASN B 163 8.84 6.49 17.66
CA ASN B 163 9.07 5.15 17.10
C ASN B 163 8.18 4.93 15.87
N VAL B 164 8.78 4.41 14.80
CA VAL B 164 8.06 4.23 13.53
C VAL B 164 8.14 2.76 13.14
N LYS B 165 6.99 2.16 12.83
CA LYS B 165 6.97 0.74 12.47
C LYS B 165 6.81 0.58 10.96
N LEU B 166 7.70 -0.20 10.36
CA LEU B 166 7.59 -0.50 8.93
C LEU B 166 6.44 -1.46 8.73
N THR B 167 5.54 -1.14 7.80
CA THR B 167 4.48 -2.06 7.41
C THR B 167 4.55 -2.29 5.90
N HIS B 168 3.69 -3.15 5.36
CA HIS B 168 3.73 -3.42 3.93
C HIS B 168 3.01 -2.35 3.09
N THR B 169 2.38 -1.40 3.77
CA THR B 169 1.68 -0.32 3.08
C THR B 169 2.16 1.06 3.49
N GLY B 170 3.15 1.12 4.38
CA GLY B 170 3.71 2.40 4.76
C GLY B 170 4.43 2.39 6.09
N PHE B 171 4.44 3.54 6.76
CA PHE B 171 5.21 3.72 7.98
C PHE B 171 4.28 4.15 9.11
N PHE B 172 4.11 3.30 10.11
CA PHE B 172 3.19 3.60 11.19
C PHE B 172 3.87 4.49 12.23
N LEU B 173 3.29 5.66 12.44
CA LEU B 173 3.73 6.57 13.49
C LEU B 173 2.52 7.09 14.25
N VAL B 174 2.40 6.62 15.48
CA VAL B 174 1.40 7.05 16.47
C VAL B 174 -0.05 6.75 16.11
N ASN B 175 -0.51 7.28 14.97
CA ASN B 175 -1.90 7.16 14.58
C ASN B 175 -2.13 6.49 13.22
N TYR B 176 -1.32 6.84 12.23
CA TYR B 176 -1.59 6.45 10.87
C TYR B 176 -0.44 5.67 10.28
N ASN B 177 -0.79 4.85 9.29
CA ASN B 177 0.17 4.16 8.47
C ASN B 177 0.43 5.07 7.29
N TYR B 178 1.45 5.92 7.39
CA TYR B 178 1.75 6.87 6.32
C TYR B 178 2.34 6.16 5.10
N PRO B 179 1.73 6.36 3.93
CA PRO B 179 2.10 5.56 2.75
C PRO B 179 3.45 5.89 2.11
N THR B 180 3.98 7.09 2.32
CA THR B 180 5.25 7.48 1.73
C THR B 180 6.11 8.18 2.80
N VAL B 181 7.41 8.28 2.53
CA VAL B 181 8.30 8.93 3.47
C VAL B 181 7.94 10.42 3.59
N ILE B 182 7.59 11.04 2.48
CA ILE B 182 7.15 12.44 2.51
C ILE B 182 5.97 12.62 3.45
N GLN B 183 4.97 11.76 3.31
CA GLN B 183 3.77 11.85 4.14
CA GLN B 183 3.76 11.81 4.13
C GLN B 183 4.10 11.51 5.59
N LEU B 184 5.06 10.62 5.80
CA LEU B 184 5.52 10.32 7.16
C LEU B 184 6.11 11.56 7.81
N CYS B 185 6.94 12.28 7.06
CA CYS B 185 7.57 13.48 7.58
C CYS B 185 6.54 14.57 7.83
N ASN B 186 5.59 14.74 6.91
CA ASN B 186 4.50 15.70 7.10
C ASN B 186 3.67 15.36 8.32
N GLY B 187 3.41 14.07 8.51
CA GLY B 187 2.64 13.59 9.64
C GLY B 187 3.35 13.86 10.96
N PHE B 188 4.66 13.60 10.98
CA PHE B 188 5.51 13.93 12.13
C PHE B 188 5.38 15.42 12.49
N LYS B 189 5.53 16.28 11.49
CA LYS B 189 5.46 17.73 11.74
C LYS B 189 4.09 18.16 12.27
N THR B 190 3.04 17.49 11.82
CA THR B 190 1.69 17.77 12.29
C THR B 190 1.55 17.37 13.75
N LEU B 191 2.15 16.24 14.10
CA LEU B 191 2.10 15.72 15.46
C LEU B 191 2.92 16.55 16.47
N LEU B 192 3.82 17.40 15.98
CA LEU B 192 4.54 18.35 16.84
C LEU B 192 3.66 19.51 17.28
N LYS B 193 2.58 19.77 16.55
CA LYS B 193 1.66 20.86 16.90
C LYS B 193 0.64 20.42 17.93
N SER B 194 0.16 21.36 18.75
CA SER B 194 -0.96 21.05 19.63
C SER B 194 -2.12 20.62 18.74
N SER B 195 -2.99 19.76 19.25
CA SER B 195 -4.10 19.26 18.44
C SER B 195 -5.00 20.35 17.89
N ASN B 196 -5.13 21.47 18.61
CA ASN B 196 -6.00 22.54 18.14
C ASN B 196 -5.38 23.58 17.19
N THR B 197 -4.16 23.35 16.75
CA THR B 197 -3.55 24.22 15.73
C THR B 197 -3.11 23.44 14.51
N ARG B 198 -3.64 22.23 14.38
CA ARG B 198 -3.30 21.36 13.24
C ARG B 198 -4.14 21.65 11.99
N ASN B 199 -5.44 21.91 12.20
CA ASN B 199 -6.34 22.11 11.07
C ASN B 199 -7.48 23.07 11.41
#